data_6WV4
#
_entry.id   6WV4
#
_cell.length_a   43.299
_cell.length_b   49.346
_cell.length_c   288.695
_cell.angle_alpha   90.000
_cell.angle_beta   90.000
_cell.angle_gamma   90.000
#
_symmetry.space_group_name_H-M   'P 21 2 21'
#
loop_
_entity.id
_entity.type
_entity.pdbx_description
1 polymer 'Vitamin K epoxide reductase Cys43Ser mutant, termini restrained by green fluorescent protein'
2 non-polymer S-WARFARIN
3 water water
#
_entity_poly.entity_id   1
_entity_poly.type   'polypeptide(L)'
_entity_poly.pdbx_seq_one_letter_code
;MSKGEELFTGVVPILVELDGDVNGHKFSVRGEGEGDATNGKLTLKFICTTGKLPVPWPTLVTTL(CRO)VQCFSRYPDHM
KRHDFFKSAMPEGYVQERTISFKDDGTYKTRAEVKFEGDTLVNRIELKGIDFKEDGNILGHKLEYNSTWGSPGWVRLALC
LTGLVLSLYALHVKAARARDRDYRALSDVGTAISCSRVFSSRWGRGFGLVEHVLGQDSILNQSNSIFGCIFYTLQLLLGC
LRTRWASVLMLLSSLVSLAGSVYLAWILFFVLYDFCIVCITTYAINVSLMWLSFRKVQENSHNVYITADKQKNGIKANFK
IRHNVEDGSVQLADHYQQNTPIGDGPVLLPDNHYLSTQSVLSKDPNEKRDHMVLLEFVTAAGITHHHHHHHHHH
;
_entity_poly.pdbx_strand_id   A
#
loop_
_chem_comp.id
_chem_comp.type
_chem_comp.name
_chem_comp.formula
SWF non-polymer S-WARFARIN 'C19 H16 O4'
#
# COMPACT_ATOMS: atom_id res chain seq x y z
N SER A 2 -0.14 -0.15 32.92
CA SER A 2 -0.62 1.23 32.91
C SER A 2 -1.74 1.49 33.92
N LYS A 3 -1.63 2.59 34.66
CA LYS A 3 -2.76 3.11 35.42
C LYS A 3 -3.72 3.93 34.57
N GLY A 4 -3.32 4.28 33.34
CA GLY A 4 -4.27 4.83 32.40
C GLY A 4 -5.01 3.78 31.60
N GLU A 5 -4.51 2.55 31.60
CA GLU A 5 -5.17 1.45 30.89
C GLU A 5 -6.60 1.24 31.38
N GLU A 6 -6.86 1.48 32.67
CA GLU A 6 -8.21 1.32 33.20
C GLU A 6 -9.19 2.25 32.52
N LEU A 7 -8.71 3.36 31.94
CA LEU A 7 -9.58 4.28 31.24
C LEU A 7 -10.03 3.76 29.89
N PHE A 8 -9.42 2.69 29.38
CA PHE A 8 -9.75 2.22 28.05
C PHE A 8 -10.49 0.91 28.04
N THR A 9 -10.66 0.26 29.19
CA THR A 9 -11.65 -0.81 29.27
C THR A 9 -13.01 -0.17 29.13
N GLY A 10 -13.76 -0.55 28.10
CA GLY A 10 -14.98 0.15 27.79
C GLY A 10 -14.86 0.99 26.53
N VAL A 11 -16.00 1.33 25.96
CA VAL A 11 -16.03 2.16 24.77
C VAL A 11 -15.90 3.63 25.20
N VAL A 12 -15.00 4.36 24.55
CA VAL A 12 -14.63 5.72 24.97
C VAL A 12 -14.99 6.67 23.85
N PRO A 13 -15.65 7.79 24.15
CA PRO A 13 -16.02 8.76 23.09
C PRO A 13 -14.82 9.57 22.64
N ILE A 14 -14.69 9.67 21.32
CA ILE A 14 -13.58 10.35 20.67
C ILE A 14 -14.10 11.62 20.01
N LEU A 15 -13.37 12.71 20.19
CA LEU A 15 -13.60 13.96 19.47
C LEU A 15 -12.26 14.40 18.87
N VAL A 16 -12.28 14.81 17.61
CA VAL A 16 -11.07 15.23 16.88
C VAL A 16 -11.32 16.61 16.30
N GLU A 17 -10.30 17.47 16.36
CA GLU A 17 -10.35 18.81 15.79
C GLU A 17 -9.02 19.15 15.15
N LEU A 18 -9.08 19.59 13.89
CA LEU A 18 -7.88 19.81 13.08
C LEU A 18 -7.97 21.17 12.41
N ASP A 19 -7.00 22.05 12.68
CA ASP A 19 -6.87 23.33 11.99
C ASP A 19 -5.67 23.23 11.05
N GLY A 20 -5.93 23.27 9.74
CA GLY A 20 -4.89 23.08 8.77
C GLY A 20 -4.64 24.25 7.84
N ASP A 21 -3.47 24.23 7.19
CA ASP A 21 -3.07 25.23 6.20
C ASP A 21 -2.12 24.52 5.24
N VAL A 22 -2.62 24.20 4.04
CA VAL A 22 -1.84 23.55 3.00
C VAL A 22 -1.64 24.57 1.87
N ASN A 23 -0.41 25.07 1.73
CA ASN A 23 -0.04 26.01 0.67
C ASN A 23 -0.94 27.24 0.68
N GLY A 24 -1.20 27.77 1.88
CA GLY A 24 -2.09 28.90 2.02
C GLY A 24 -3.55 28.52 2.19
N HIS A 25 -3.97 27.42 1.58
CA HIS A 25 -5.36 26.96 1.69
C HIS A 25 -5.63 26.54 3.12
N LYS A 26 -6.40 27.35 3.85
CA LYS A 26 -6.68 27.08 5.25
C LYS A 26 -8.01 26.34 5.38
N PHE A 27 -8.06 25.36 6.29
CA PHE A 27 -9.23 24.51 6.42
C PHE A 27 -9.36 24.02 7.86
N SER A 28 -10.50 23.40 8.16
CA SER A 28 -10.78 22.83 9.47
C SER A 28 -11.55 21.53 9.30
N VAL A 29 -11.27 20.58 10.18
CA VAL A 29 -11.95 19.30 10.20
C VAL A 29 -12.40 19.00 11.62
N ARG A 30 -13.66 18.57 11.77
CA ARG A 30 -14.20 18.15 13.05
C ARG A 30 -14.73 16.72 12.92
N GLY A 31 -14.29 15.85 13.82
CA GLY A 31 -14.68 14.45 13.76
C GLY A 31 -15.14 13.93 15.11
N GLU A 32 -15.97 12.89 15.08
CA GLU A 32 -16.50 12.34 16.32
C GLU A 32 -16.71 10.84 16.15
N GLY A 33 -16.58 10.11 17.26
CA GLY A 33 -16.82 8.68 17.19
C GLY A 33 -16.57 7.97 18.51
N GLU A 34 -16.24 6.69 18.44
CA GLU A 34 -15.95 5.95 19.66
C GLU A 34 -14.85 4.94 19.37
N GLY A 35 -14.15 4.58 20.43
CA GLY A 35 -13.08 3.62 20.34
C GLY A 35 -13.24 2.53 21.37
N ASP A 36 -12.74 1.34 21.02
CA ASP A 36 -12.89 0.13 21.82
C ASP A 36 -11.52 -0.55 21.82
N ALA A 37 -10.72 -0.21 22.84
CA ALA A 37 -9.36 -0.77 22.92
C ALA A 37 -9.37 -2.27 23.14
N THR A 38 -10.49 -2.83 23.61
CA THR A 38 -10.57 -4.26 23.89
C THR A 38 -10.43 -5.08 22.61
N ASN A 39 -10.94 -4.55 21.50
CA ASN A 39 -10.80 -5.16 20.19
C ASN A 39 -9.98 -4.29 19.24
N GLY A 40 -9.39 -3.20 19.74
CA GLY A 40 -8.67 -2.27 18.90
C GLY A 40 -9.52 -1.79 17.74
N LYS A 41 -10.73 -1.31 18.03
CA LYS A 41 -11.69 -0.92 17.02
C LYS A 41 -11.98 0.57 17.16
N LEU A 42 -11.87 1.30 16.04
CA LEU A 42 -12.20 2.72 15.98
C LEU A 42 -13.35 2.91 15.00
N THR A 43 -14.29 3.79 15.37
CA THR A 43 -15.36 4.20 14.46
C THR A 43 -15.52 5.71 14.55
N LEU A 44 -15.30 6.42 13.44
CA LEU A 44 -15.31 7.87 13.48
C LEU A 44 -15.90 8.45 12.20
N LYS A 45 -16.42 9.68 12.31
CA LYS A 45 -16.94 10.45 11.19
C LYS A 45 -16.31 11.82 11.21
N PHE A 46 -15.73 12.21 10.06
CA PHE A 46 -15.02 13.47 9.93
C PHE A 46 -15.73 14.36 8.91
N ILE A 47 -15.80 15.65 9.24
CA ILE A 47 -16.52 16.64 8.45
C ILE A 47 -15.60 17.83 8.24
N CYS A 48 -15.52 18.30 6.99
CA CYS A 48 -14.74 19.49 6.67
C CYS A 48 -15.58 20.72 6.96
N THR A 49 -15.48 21.22 8.18
CA THR A 49 -16.23 22.41 8.61
C THR A 49 -15.81 23.64 7.79
N GLY A 51 -15.59 24.25 4.35
CA GLY A 51 -16.13 24.02 3.03
C GLY A 51 -15.81 22.67 2.43
N LYS A 52 -15.03 22.65 1.34
CA LYS A 52 -14.53 21.42 0.74
C LYS A 52 -13.06 21.26 1.09
N LEU A 53 -12.66 20.01 1.34
CA LEU A 53 -11.29 19.74 1.79
C LEU A 53 -10.31 20.03 0.66
N PRO A 54 -9.25 20.79 0.91
CA PRO A 54 -8.28 21.06 -0.17
C PRO A 54 -7.33 19.90 -0.47
N VAL A 55 -7.34 18.83 0.32
CA VAL A 55 -6.48 17.67 0.08
C VAL A 55 -7.34 16.41 0.13
N PRO A 56 -6.83 15.28 -0.37
CA PRO A 56 -7.58 14.03 -0.24
C PRO A 56 -7.72 13.60 1.22
N TRP A 57 -8.87 12.97 1.52
CA TRP A 57 -9.09 12.42 2.85
C TRP A 57 -8.09 11.33 3.25
N PRO A 58 -7.66 10.42 2.36
CA PRO A 58 -6.66 9.42 2.80
C PRO A 58 -5.39 10.04 3.38
N THR A 59 -4.94 11.17 2.84
CA THR A 59 -3.73 11.83 3.35
C THR A 59 -3.93 12.43 4.73
N LEU A 60 -5.13 12.36 5.28
CA LEU A 60 -5.39 12.85 6.63
C LEU A 60 -5.74 11.76 7.62
N VAL A 61 -5.87 10.50 7.17
CA VAL A 61 -6.23 9.42 8.08
C VAL A 61 -5.22 9.31 9.21
N THR A 62 -3.94 9.20 8.85
CA THR A 62 -2.88 8.99 9.84
C THR A 62 -2.86 10.11 10.87
N THR A 63 -2.96 11.36 10.41
CA THR A 63 -2.98 12.48 11.35
C THR A 63 -4.22 12.43 12.24
N LEU A 64 -5.37 12.10 11.68
CA LEU A 64 -6.63 12.18 12.40
C LEU A 64 -6.78 11.11 13.48
N1 CRO A 65 -6.40 9.81 12.89
CA1 CRO A 65 -6.33 8.71 13.84
CB1 CRO A 65 -7.29 7.60 13.41
CG1 CRO A 65 -8.71 8.13 13.46
OG1 CRO A 65 -7.02 7.17 12.10
C1 CRO A 65 -4.88 8.24 13.89
N2 CRO A 65 -4.32 7.17 13.15
N3 CRO A 65 -3.89 8.90 14.72
C2 CRO A 65 -2.62 8.16 14.49
O2 CRO A 65 -1.56 8.39 14.99
CA2 CRO A 65 -2.92 7.06 13.46
CA3 CRO A 65 -4.13 10.04 15.60
C3 CRO A 65 -4.07 9.58 17.05
O3 CRO A 65 -3.61 10.35 17.94
CB2 CRO A 65 -2.04 6.19 13.01
CG2 CRO A 65 -2.24 5.35 11.75
CD1 CRO A 65 -3.48 5.23 11.12
CD2 CRO A 65 -1.15 4.68 11.23
CE1 CRO A 65 -3.61 4.46 9.98
CE2 CRO A 65 -1.28 3.89 10.09
CZ CRO A 65 -2.52 3.79 9.46
OH CRO A 65 -2.66 3.00 8.32
N VAL A 66 -5.02 8.53 16.96
CA VAL A 66 -5.40 8.13 18.30
C VAL A 66 -4.96 6.68 18.55
N GLN A 67 -3.68 6.49 18.84
CA GLN A 67 -3.11 5.15 18.99
C GLN A 67 -3.25 4.58 20.40
N CYS A 68 -3.91 5.30 21.30
CA CYS A 68 -4.23 4.77 22.62
C CYS A 68 -5.37 3.76 22.59
N PHE A 69 -6.01 3.56 21.44
CA PHE A 69 -7.03 2.53 21.27
C PHE A 69 -6.47 1.27 20.64
N SER A 70 -5.16 1.20 20.43
CA SER A 70 -4.54 0.00 19.89
C SER A 70 -4.72 -1.15 20.86
N ARG A 71 -5.21 -2.29 20.36
CA ARG A 71 -5.32 -3.46 21.20
C ARG A 71 -3.94 -4.06 21.42
N TYR A 72 -3.46 -4.04 22.66
CA TYR A 72 -2.23 -4.71 23.03
C TYR A 72 -2.56 -6.04 23.65
N PRO A 73 -2.07 -7.17 23.12
CA PRO A 73 -2.26 -8.45 23.80
C PRO A 73 -1.69 -8.39 25.20
N ASP A 74 -2.11 -9.36 26.03
CA ASP A 74 -1.73 -9.31 27.44
C ASP A 74 -0.22 -9.38 27.62
N HIS A 75 0.44 -10.28 26.88
CA HIS A 75 1.90 -10.43 26.99
C HIS A 75 2.67 -9.18 26.56
N MET A 76 2.01 -8.18 26.00
CA MET A 76 2.65 -6.90 25.66
C MET A 76 2.05 -5.73 26.42
N LYS A 77 1.25 -5.98 27.46
CA LYS A 77 0.55 -4.91 28.15
C LYS A 77 1.51 -3.88 28.72
N ARG A 78 2.72 -4.29 29.10
CA ARG A 78 3.65 -3.34 29.67
C ARG A 78 4.38 -2.51 28.62
N HIS A 79 4.05 -2.67 27.33
CA HIS A 79 4.66 -1.89 26.27
C HIS A 79 3.69 -0.88 25.66
N ASP A 80 2.60 -0.55 26.35
CA ASP A 80 1.60 0.39 25.87
C ASP A 80 1.93 1.76 26.47
N PHE A 81 2.70 2.56 25.72
CA PHE A 81 2.98 3.93 26.13
C PHE A 81 1.72 4.79 26.11
N PHE A 82 0.88 4.60 25.10
CA PHE A 82 -0.18 5.57 24.81
C PHE A 82 -1.22 5.62 25.92
N LYS A 83 -1.62 4.46 26.44
CA LYS A 83 -2.58 4.45 27.54
C LYS A 83 -1.95 4.91 28.84
N SER A 84 -0.67 4.58 29.04
CA SER A 84 -0.02 4.93 30.30
C SER A 84 0.14 6.43 30.45
N ALA A 85 0.21 7.16 29.34
CA ALA A 85 0.28 8.61 29.42
C ALA A 85 -1.04 9.22 29.89
N MET A 86 -2.13 8.48 29.77
CA MET A 86 -3.45 8.97 30.13
C MET A 86 -3.61 9.00 31.65
N PRO A 87 -4.49 9.88 32.17
CA PRO A 87 -5.41 10.80 31.45
C PRO A 87 -4.79 12.13 31.05
N GLU A 88 -3.55 12.41 31.47
CA GLU A 88 -2.95 13.71 31.17
C GLU A 88 -2.70 13.89 29.67
N GLY A 89 -2.34 12.80 28.99
CA GLY A 89 -2.26 12.78 27.54
C GLY A 89 -0.82 12.73 27.07
N TYR A 90 -0.65 12.95 25.76
CA TYR A 90 0.66 13.04 25.16
C TYR A 90 0.60 13.99 23.96
N VAL A 91 1.78 14.44 23.54
CA VAL A 91 1.93 15.26 22.35
C VAL A 91 2.55 14.40 21.25
N GLN A 92 1.90 14.34 20.09
CA GLN A 92 2.35 13.56 18.94
C GLN A 92 2.66 14.53 17.81
N GLU A 93 3.94 14.65 17.47
CA GLU A 93 4.42 15.51 16.39
C GLU A 93 4.92 14.65 15.24
N ARG A 94 4.54 15.00 14.02
CA ARG A 94 4.87 14.19 12.86
C ARG A 94 5.36 15.06 11.71
N THR A 95 6.24 14.47 10.91
CA THR A 95 6.65 14.98 9.61
C THR A 95 6.24 13.94 8.57
N ILE A 96 5.47 14.36 7.58
CA ILE A 96 4.96 13.45 6.56
C ILE A 96 5.45 13.95 5.22
N SER A 97 6.35 13.18 4.61
CA SER A 97 7.02 13.58 3.38
C SER A 97 6.44 12.79 2.22
N PHE A 98 5.71 13.48 1.34
CA PHE A 98 5.19 12.85 0.14
C PHE A 98 6.24 12.88 -0.94
N LYS A 99 6.49 11.72 -1.56
CA LYS A 99 7.57 11.62 -2.53
C LYS A 99 7.26 12.46 -3.75
N ASP A 100 8.26 13.23 -4.18
CA ASP A 100 8.13 14.15 -5.32
C ASP A 100 7.00 15.15 -5.12
N ASP A 101 6.74 15.55 -3.88
CA ASP A 101 5.67 16.50 -3.60
C ASP A 101 5.97 17.15 -2.24
N GLY A 102 4.97 17.82 -1.67
CA GLY A 102 5.17 18.61 -0.47
C GLY A 102 5.33 17.81 0.82
N THR A 103 5.12 18.49 1.94
CA THR A 103 5.35 17.90 3.26
C THR A 103 4.34 18.46 4.26
N TYR A 104 3.74 17.56 5.04
CA TYR A 104 2.95 17.96 6.21
C TYR A 104 3.83 18.00 7.45
N LYS A 105 3.58 19.01 8.29
CA LYS A 105 4.08 19.05 9.65
C LYS A 105 2.87 19.12 10.58
N THR A 106 2.73 18.14 11.47
CA THR A 106 1.58 18.09 12.37
C THR A 106 2.05 18.10 13.82
N ARG A 107 1.25 18.70 14.69
CA ARG A 107 1.42 18.54 16.13
C ARG A 107 0.05 18.37 16.78
N ALA A 108 -0.06 17.40 17.69
CA ALA A 108 -1.34 17.05 18.25
C ALA A 108 -1.25 16.83 19.75
N GLU A 109 -2.29 17.23 20.47
CA GLU A 109 -2.48 16.90 21.87
C GLU A 109 -3.58 15.87 21.97
N VAL A 110 -3.25 14.70 22.52
CA VAL A 110 -4.21 13.62 22.72
C VAL A 110 -4.35 13.44 24.23
N LYS A 111 -5.51 13.80 24.78
CA LYS A 111 -5.68 13.73 26.22
C LYS A 111 -7.16 13.51 26.55
N PHE A 112 -7.42 13.30 27.83
CA PHE A 112 -8.78 13.14 28.34
C PHE A 112 -9.29 14.49 28.82
N GLU A 113 -10.38 14.95 28.22
CA GLU A 113 -11.12 16.11 28.69
C GLU A 113 -12.47 15.60 29.20
N GLY A 114 -12.67 15.69 30.51
CA GLY A 114 -13.88 15.14 31.10
C GLY A 114 -13.94 13.64 30.86
N ASP A 115 -14.96 13.20 30.14
CA ASP A 115 -15.14 11.80 29.80
C ASP A 115 -14.70 11.47 28.37
N THR A 116 -14.22 12.46 27.62
CA THR A 116 -14.00 12.31 26.19
C THR A 116 -12.50 12.31 25.87
N LEU A 117 -12.08 11.37 25.03
CA LEU A 117 -10.72 11.35 24.49
C LEU A 117 -10.65 12.31 23.31
N VAL A 118 -9.84 13.37 23.45
CA VAL A 118 -9.78 14.47 22.50
C VAL A 118 -8.40 14.49 21.86
N ASN A 119 -8.39 14.70 20.54
CA ASN A 119 -7.17 14.79 19.74
C ASN A 119 -7.24 16.11 18.98
N ARG A 120 -6.57 17.15 19.49
CA ARG A 120 -6.51 18.43 18.81
C ARG A 120 -5.24 18.48 17.97
N ILE A 121 -5.37 18.92 16.72
CA ILE A 121 -4.31 18.80 15.74
C ILE A 121 -4.12 20.13 15.02
N GLU A 122 -2.86 20.57 14.94
CA GLU A 122 -2.44 21.70 14.14
C GLU A 122 -1.58 21.17 13.01
N LEU A 123 -1.94 21.48 11.77
CA LEU A 123 -1.25 20.95 10.61
C LEU A 123 -0.84 22.07 9.68
N LYS A 124 0.32 21.91 9.04
CA LYS A 124 0.82 22.88 8.07
C LYS A 124 1.51 22.13 6.94
N GLY A 125 0.98 22.23 5.74
CA GLY A 125 1.54 21.58 4.55
C GLY A 125 2.20 22.62 3.66
N ILE A 126 3.43 22.29 3.22
CA ILE A 126 4.25 23.23 2.45
C ILE A 126 4.85 22.53 1.24
N ASP A 127 5.17 23.34 0.23
CA ASP A 127 5.91 22.93 -0.96
C ASP A 127 5.14 21.93 -1.83
N PHE A 128 3.81 22.04 -1.87
CA PHE A 128 3.00 21.21 -2.75
C PHE A 128 2.81 21.90 -4.09
N LYS A 129 2.95 21.12 -5.17
CA LYS A 129 2.72 21.64 -6.51
C LYS A 129 1.24 21.51 -6.85
N GLU A 130 0.65 22.60 -7.37
CA GLU A 130 -0.80 22.71 -7.47
C GLU A 130 -1.41 21.68 -8.41
N ASP A 131 -0.62 21.03 -9.27
CA ASP A 131 -1.11 19.95 -10.12
C ASP A 131 -0.52 18.60 -9.72
N GLY A 132 -0.17 18.44 -8.45
CA GLY A 132 0.32 17.18 -7.94
C GLY A 132 -0.83 16.23 -7.63
N ASN A 133 -0.46 15.10 -6.99
CA ASN A 133 -1.46 14.12 -6.60
C ASN A 133 -2.29 14.58 -5.41
N ILE A 134 -1.73 15.45 -4.57
CA ILE A 134 -2.43 15.90 -3.36
C ILE A 134 -3.36 17.05 -3.71
N LEU A 135 -2.81 18.16 -4.19
CA LEU A 135 -3.63 19.33 -4.48
C LEU A 135 -4.47 19.14 -5.74
N GLY A 136 -4.08 18.24 -6.64
CA GLY A 136 -4.88 17.94 -7.80
C GLY A 136 -5.96 16.90 -7.58
N HIS A 137 -6.00 16.29 -6.40
CA HIS A 137 -7.01 15.29 -6.03
C HIS A 137 -6.98 14.09 -6.97
N LYS A 138 -5.78 13.52 -7.14
CA LYS A 138 -5.59 12.38 -8.02
C LYS A 138 -5.47 11.06 -7.25
N LEU A 139 -6.02 10.99 -6.05
CA LEU A 139 -5.90 9.81 -5.20
C LEU A 139 -7.25 9.10 -5.08
N GLU A 140 -7.21 7.77 -5.18
CA GLU A 140 -8.42 6.97 -4.99
C GLU A 140 -8.88 7.00 -3.55
N TYR A 141 -10.19 6.85 -3.35
CA TYR A 141 -10.77 6.85 -2.01
C TYR A 141 -10.90 5.43 -1.49
N ASN A 142 -11.78 4.62 -2.12
CA ASN A 142 -11.85 3.18 -1.86
C ASN A 142 -12.19 2.38 -3.12
N SER A 143 -11.63 2.74 -4.27
CA SER A 143 -12.15 2.17 -5.52
C SER A 143 -11.70 0.72 -5.70
N THR A 144 -12.45 0.00 -6.55
CA THR A 144 -12.18 -1.39 -6.87
C THR A 144 -11.58 -1.57 -8.26
N TRP A 145 -12.20 -0.96 -9.26
CA TRP A 145 -11.70 -0.98 -10.64
C TRP A 145 -10.91 0.29 -10.91
N GLY A 146 -9.61 0.15 -11.17
CA GLY A 146 -8.78 1.29 -11.46
C GLY A 146 -7.84 1.08 -12.63
N SER A 147 -6.95 2.03 -12.88
CA SER A 147 -5.95 1.90 -13.93
C SER A 147 -4.82 0.98 -13.47
N PRO A 148 -4.10 0.37 -14.40
CA PRO A 148 -2.96 -0.47 -14.02
C PRO A 148 -1.59 0.22 -14.06
N GLY A 149 -1.51 1.50 -14.42
CA GLY A 149 -0.23 2.18 -14.52
C GLY A 149 0.38 2.03 -15.90
N TRP A 150 0.92 3.12 -16.45
CA TRP A 150 1.44 3.08 -17.81
C TRP A 150 2.67 2.17 -17.92
N VAL A 151 3.36 1.91 -16.81
CA VAL A 151 4.46 0.95 -16.84
C VAL A 151 3.93 -0.45 -17.14
N ARG A 152 2.98 -0.91 -16.32
CA ARG A 152 2.39 -2.22 -16.54
C ARG A 152 1.69 -2.29 -17.89
N LEU A 153 1.03 -1.20 -18.29
CA LEU A 153 0.37 -1.17 -19.60
C LEU A 153 1.39 -1.34 -20.73
N ALA A 154 2.51 -0.62 -20.65
CA ALA A 154 3.54 -0.75 -21.68
C ALA A 154 4.12 -2.16 -21.70
N LEU A 155 4.40 -2.73 -20.53
CA LEU A 155 4.99 -4.06 -20.48
C LEU A 155 4.05 -5.11 -21.08
N CYS A 156 2.79 -5.11 -20.63
CA CYS A 156 1.86 -6.14 -21.07
C CYS A 156 1.49 -5.98 -22.55
N LEU A 157 1.30 -4.73 -23.00
CA LEU A 157 1.01 -4.52 -24.41
C LEU A 157 2.18 -4.94 -25.29
N THR A 158 3.40 -4.55 -24.90
CA THR A 158 4.58 -4.93 -25.67
C THR A 158 4.71 -6.44 -25.74
N GLY A 159 4.60 -7.12 -24.59
CA GLY A 159 4.68 -8.57 -24.59
C GLY A 159 3.61 -9.22 -25.44
N LEU A 160 2.39 -8.65 -25.42
CA LEU A 160 1.31 -9.17 -26.25
C LEU A 160 1.65 -9.05 -27.73
N VAL A 161 2.19 -7.89 -28.14
CA VAL A 161 2.56 -7.69 -29.53
C VAL A 161 3.66 -8.66 -29.94
N LEU A 162 4.64 -8.89 -29.06
CA LEU A 162 5.74 -9.80 -29.37
C LEU A 162 5.25 -11.23 -29.50
N SER A 163 4.40 -11.67 -28.59
CA SER A 163 3.89 -13.04 -28.65
C SER A 163 3.01 -13.23 -29.89
N LEU A 164 2.12 -12.27 -30.15
CA LEU A 164 1.31 -12.32 -31.37
C LEU A 164 2.20 -12.35 -32.60
N TYR A 165 3.31 -11.62 -32.56
CA TYR A 165 4.28 -11.68 -33.64
C TYR A 165 4.83 -13.09 -33.80
N ALA A 166 5.23 -13.72 -32.69
CA ALA A 166 5.77 -15.07 -32.79
C ALA A 166 4.74 -16.03 -33.39
N LEU A 167 3.46 -15.84 -33.05
CA LEU A 167 2.42 -16.66 -33.66
C LEU A 167 2.34 -16.45 -35.17
N HIS A 168 2.26 -15.19 -35.60
CA HIS A 168 2.36 -14.84 -37.02
C HIS A 168 3.61 -15.43 -37.66
N VAL A 169 4.63 -15.74 -36.87
CA VAL A 169 5.86 -16.33 -37.41
C VAL A 169 5.70 -17.83 -37.63
N LYS A 170 5.39 -18.59 -36.58
CA LYS A 170 5.36 -20.05 -36.76
C LYS A 170 4.16 -20.50 -37.59
N ALA A 171 3.02 -19.81 -37.46
CA ALA A 171 1.82 -20.18 -38.21
C ALA A 171 1.87 -19.75 -39.67
N ALA A 172 2.85 -18.96 -40.08
CA ALA A 172 2.97 -18.53 -41.47
C ALA A 172 3.38 -19.68 -42.39
N GLY A 186 11.89 -5.86 -38.11
CA GLY A 186 12.79 -5.73 -39.24
C GLY A 186 13.15 -7.06 -39.87
N THR A 187 14.34 -7.57 -39.53
CA THR A 187 14.84 -8.83 -40.04
C THR A 187 14.95 -9.82 -38.88
N ALA A 188 13.98 -10.73 -38.76
CA ALA A 188 14.11 -11.86 -37.84
C ALA A 188 13.78 -13.13 -38.62
N ILE A 189 14.80 -13.64 -39.32
CA ILE A 189 14.82 -15.06 -39.68
C ILE A 189 15.61 -15.83 -38.65
N SER A 190 16.37 -15.14 -37.81
CA SER A 190 17.01 -15.77 -36.66
C SER A 190 15.97 -16.37 -35.74
N CYS A 191 14.96 -15.58 -35.40
CA CYS A 191 13.73 -16.12 -34.85
C CYS A 191 12.98 -16.82 -36.01
N SER A 192 12.08 -17.73 -35.63
CA SER A 192 11.51 -18.83 -36.43
C SER A 192 12.53 -19.94 -36.64
N ARG A 193 13.80 -19.74 -36.28
CA ARG A 193 14.71 -20.86 -36.13
C ARG A 193 14.64 -21.38 -34.71
N VAL A 194 14.32 -20.45 -33.81
CA VAL A 194 14.10 -20.75 -32.40
C VAL A 194 12.70 -21.31 -32.19
N PHE A 195 11.68 -20.60 -32.67
CA PHE A 195 10.29 -20.98 -32.38
C PHE A 195 9.94 -22.36 -32.95
N SER A 196 10.53 -22.73 -34.08
CA SER A 196 10.26 -24.01 -34.73
C SER A 196 10.82 -25.20 -33.97
N SER A 197 11.70 -24.98 -32.99
CA SER A 197 12.27 -26.08 -32.25
C SER A 197 11.23 -26.71 -31.33
N ARG A 198 11.61 -27.80 -30.67
CA ARG A 198 10.71 -28.50 -29.77
C ARG A 198 10.35 -27.68 -28.54
N TRP A 199 11.17 -26.69 -28.19
CA TRP A 199 10.91 -25.85 -27.02
C TRP A 199 9.96 -24.70 -27.32
N GLY A 200 9.70 -24.39 -28.58
CA GLY A 200 8.68 -23.41 -28.91
C GLY A 200 7.26 -23.87 -28.71
N ARG A 201 7.05 -25.09 -28.21
CA ARG A 201 5.73 -25.66 -28.01
C ARG A 201 5.64 -26.21 -26.59
N GLY A 202 4.77 -25.61 -25.77
CA GLY A 202 4.61 -26.06 -24.40
C GLY A 202 5.89 -26.02 -23.58
N PHE A 203 6.76 -25.06 -23.86
CA PHE A 203 8.08 -24.93 -23.25
C PHE A 203 8.92 -26.21 -23.38
N GLY A 204 8.59 -27.05 -24.37
CA GLY A 204 9.32 -28.28 -24.58
C GLY A 204 9.11 -29.37 -23.54
N LEU A 205 8.38 -29.08 -22.46
CA LEU A 205 8.19 -30.04 -21.39
C LEU A 205 6.75 -30.49 -21.20
N VAL A 206 5.80 -29.95 -21.96
CA VAL A 206 4.42 -30.42 -21.87
C VAL A 206 4.27 -31.77 -22.55
N GLU A 207 5.02 -32.01 -23.63
CA GLU A 207 4.96 -33.30 -24.31
C GLU A 207 5.54 -34.43 -23.47
N HIS A 208 6.39 -34.13 -22.49
CA HIS A 208 6.98 -35.16 -21.66
C HIS A 208 6.06 -35.62 -20.55
N VAL A 209 5.25 -34.72 -20.01
CA VAL A 209 4.39 -35.02 -18.86
C VAL A 209 2.97 -35.34 -19.30
N LEU A 210 2.41 -34.57 -20.22
CA LEU A 210 1.04 -34.75 -20.68
C LEU A 210 0.94 -35.33 -22.08
N GLY A 211 2.06 -35.63 -22.72
CA GLY A 211 2.04 -36.09 -24.10
C GLY A 211 1.85 -34.95 -25.07
N GLN A 212 2.06 -35.26 -26.35
CA GLN A 212 1.92 -34.24 -27.38
C GLN A 212 0.48 -34.04 -27.83
N ASP A 213 -0.41 -34.99 -27.54
CA ASP A 213 -1.80 -34.90 -27.94
C ASP A 213 -2.61 -33.93 -27.09
N SER A 214 -2.06 -33.47 -25.97
CA SER A 214 -2.82 -32.65 -25.03
C SER A 214 -3.19 -31.30 -25.64
N ILE A 215 -4.31 -30.75 -25.18
CA ILE A 215 -4.70 -29.41 -25.59
C ILE A 215 -3.78 -28.37 -24.95
N LEU A 216 -3.20 -28.69 -23.79
CA LEU A 216 -2.27 -27.78 -23.13
C LEU A 216 -0.95 -27.65 -23.88
N ASN A 217 -0.66 -28.55 -24.82
CA ASN A 217 0.56 -28.46 -25.62
C ASN A 217 0.34 -27.48 -26.76
N GLN A 218 0.32 -26.20 -26.39
CA GLN A 218 0.16 -25.09 -27.32
C GLN A 218 1.50 -24.39 -27.53
N SER A 219 1.54 -23.53 -28.55
CA SER A 219 2.69 -22.65 -28.72
C SER A 219 2.83 -21.74 -27.50
N ASN A 220 4.08 -21.51 -27.09
CA ASN A 220 4.32 -20.69 -25.90
C ASN A 220 3.74 -19.30 -26.03
N SER A 221 3.52 -18.83 -27.27
CA SER A 221 2.94 -17.51 -27.44
C SER A 221 1.50 -17.46 -26.97
N ILE A 222 0.79 -18.59 -27.00
CA ILE A 222 -0.56 -18.63 -26.44
C ILE A 222 -0.51 -18.35 -24.94
N PHE A 223 0.37 -19.05 -24.23
CA PHE A 223 0.65 -18.73 -22.83
C PHE A 223 1.11 -17.29 -22.68
N GLY A 224 1.71 -16.72 -23.73
CA GLY A 224 2.13 -15.32 -23.67
C GLY A 224 0.96 -14.36 -23.66
N CYS A 225 0.02 -14.55 -24.60
CA CYS A 225 -1.17 -13.70 -24.64
C CYS A 225 -2.00 -13.86 -23.38
N ILE A 226 -2.25 -15.10 -22.97
CA ILE A 226 -3.00 -15.33 -21.74
C ILE A 226 -2.29 -14.68 -20.56
N PHE A 227 -0.96 -14.76 -20.53
CA PHE A 227 -0.21 -14.27 -19.38
C PHE A 227 -0.22 -12.74 -19.32
N TYR A 228 0.07 -12.07 -20.44
CA TYR A 228 0.13 -10.61 -20.43
C TYR A 228 -1.25 -10.00 -20.30
N THR A 229 -2.26 -10.61 -20.93
CA THR A 229 -3.63 -10.16 -20.74
C THR A 229 -4.06 -10.32 -19.29
N LEU A 230 -3.71 -11.44 -18.67
CA LEU A 230 -4.06 -11.66 -17.27
C LEU A 230 -3.33 -10.68 -16.36
N GLN A 231 -2.06 -10.39 -16.65
CA GLN A 231 -1.30 -9.43 -15.86
C GLN A 231 -1.91 -8.04 -15.96
N LEU A 232 -2.23 -7.61 -17.19
CA LEU A 232 -2.80 -6.28 -17.37
C LEU A 232 -4.19 -6.19 -16.74
N LEU A 233 -4.95 -7.28 -16.78
CA LEU A 233 -6.28 -7.27 -16.19
C LEU A 233 -6.22 -7.22 -14.67
N LEU A 234 -5.37 -8.05 -14.07
CA LEU A 234 -5.22 -8.06 -12.62
C LEU A 234 -4.54 -6.79 -12.10
N GLY A 235 -3.79 -6.10 -12.95
CA GLY A 235 -3.24 -4.82 -12.56
C GLY A 235 -4.28 -3.75 -12.32
N CYS A 236 -5.49 -3.92 -12.86
CA CYS A 236 -6.60 -3.00 -12.64
C CYS A 236 -7.38 -3.30 -11.38
N LEU A 237 -6.88 -4.19 -10.53
CA LEU A 237 -7.59 -4.66 -9.36
C LEU A 237 -6.84 -4.26 -8.08
N ARG A 238 -7.61 -4.03 -7.01
CA ARG A 238 -7.10 -3.55 -5.75
C ARG A 238 -7.17 -4.59 -4.63
N THR A 239 -7.59 -5.81 -4.95
CA THR A 239 -7.72 -6.86 -3.96
C THR A 239 -6.51 -7.79 -4.01
N ARG A 240 -6.42 -8.65 -2.99
CA ARG A 240 -5.20 -9.44 -2.79
C ARG A 240 -5.13 -10.66 -3.70
N TRP A 241 -6.27 -11.30 -4.00
CA TRP A 241 -6.20 -12.50 -4.83
C TRP A 241 -5.64 -12.20 -6.21
N ALA A 242 -5.86 -10.99 -6.72
CA ALA A 242 -5.19 -10.55 -7.93
C ALA A 242 -3.71 -10.31 -7.70
N SER A 243 -3.32 -9.88 -6.50
CA SER A 243 -1.91 -9.62 -6.23
C SER A 243 -1.12 -10.93 -6.14
N VAL A 244 -1.62 -11.88 -5.34
CA VAL A 244 -0.99 -13.18 -5.21
C VAL A 244 -1.04 -13.95 -6.52
N LEU A 245 -2.19 -13.88 -7.22
CA LEU A 245 -2.27 -14.50 -8.54
C LEU A 245 -1.22 -13.90 -9.48
N MET A 246 -1.07 -12.57 -9.45
CA MET A 246 -0.03 -11.91 -10.24
C MET A 246 1.35 -12.43 -9.87
N LEU A 247 1.59 -12.65 -8.57
CA LEU A 247 2.91 -13.08 -8.11
C LEU A 247 3.23 -14.49 -8.57
N LEU A 248 2.28 -15.42 -8.41
CA LEU A 248 2.52 -16.80 -8.83
C LEU A 248 2.64 -16.89 -10.35
N SER A 249 1.78 -16.18 -11.08
CA SER A 249 1.83 -16.24 -12.54
C SER A 249 3.13 -15.64 -13.07
N SER A 250 3.57 -14.50 -12.52
CA SER A 250 4.83 -13.92 -12.96
C SER A 250 6.02 -14.75 -12.50
N LEU A 251 5.87 -15.51 -11.41
CA LEU A 251 6.93 -16.39 -10.97
C LEU A 251 7.10 -17.57 -11.92
N VAL A 252 5.98 -18.20 -12.29
CA VAL A 252 6.01 -19.26 -13.30
C VAL A 252 6.56 -18.73 -14.62
N SER A 253 6.11 -17.54 -15.02
CA SER A 253 6.61 -16.91 -16.24
C SER A 253 8.11 -16.68 -16.17
N LEU A 254 8.62 -16.30 -14.99
CA LEU A 254 10.05 -16.10 -14.84
C LEU A 254 10.81 -17.41 -14.96
N ALA A 255 10.32 -18.47 -14.32
CA ALA A 255 10.97 -19.77 -14.41
C ALA A 255 11.02 -20.26 -15.85
N GLY A 256 9.89 -20.19 -16.56
CA GLY A 256 9.87 -20.59 -17.95
C GLY A 256 10.74 -19.71 -18.84
N SER A 257 10.85 -18.42 -18.50
CA SER A 257 11.69 -17.51 -19.27
C SER A 257 13.17 -17.81 -19.07
N VAL A 258 13.55 -18.24 -17.87
CA VAL A 258 14.94 -18.59 -17.62
C VAL A 258 15.26 -19.95 -18.23
N TYR A 259 14.28 -20.87 -18.22
CA TYR A 259 14.48 -22.16 -18.87
C TYR A 259 14.64 -21.98 -20.38
N LEU A 260 13.73 -21.23 -21.01
CA LEU A 260 13.83 -20.95 -22.44
C LEU A 260 15.08 -20.15 -22.77
N ALA A 261 15.46 -19.22 -21.89
CA ALA A 261 16.68 -18.47 -22.12
C ALA A 261 17.89 -19.40 -22.08
N TRP A 262 17.85 -20.40 -21.18
CA TRP A 262 18.93 -21.38 -21.14
C TRP A 262 18.93 -22.25 -22.38
N ILE A 263 17.77 -22.46 -23.01
CA ILE A 263 17.74 -23.20 -24.27
C ILE A 263 18.32 -22.35 -25.41
N LEU A 264 18.07 -21.03 -25.38
CA LEU A 264 18.50 -20.16 -26.47
C LEU A 264 20.02 -20.13 -26.61
N PHE A 265 20.73 -19.79 -25.54
CA PHE A 265 22.18 -19.89 -25.52
C PHE A 265 22.59 -21.29 -25.08
N PHE A 266 23.86 -21.62 -25.31
CA PHE A 266 24.54 -22.80 -24.79
C PHE A 266 23.93 -24.12 -25.30
N VAL A 267 22.76 -24.05 -25.94
CA VAL A 267 22.13 -25.25 -26.50
C VAL A 267 21.85 -25.04 -27.99
N LEU A 268 21.03 -24.04 -28.32
CA LEU A 268 20.78 -23.68 -29.72
C LEU A 268 21.87 -22.78 -30.27
N TYR A 269 22.55 -22.03 -29.41
CA TYR A 269 23.63 -21.12 -29.82
C TYR A 269 23.13 -20.06 -30.78
N ASP A 270 21.80 -19.90 -30.86
CA ASP A 270 21.17 -18.86 -31.63
C ASP A 270 20.82 -17.68 -30.73
N PHE A 271 20.63 -16.51 -31.35
CA PHE A 271 20.43 -15.25 -30.63
C PHE A 271 19.30 -14.51 -31.31
N CYS A 272 18.09 -14.75 -30.85
CA CYS A 272 16.92 -14.01 -31.29
C CYS A 272 16.69 -12.81 -30.39
N ILE A 273 16.09 -11.76 -30.95
CA ILE A 273 15.96 -10.49 -30.22
C ILE A 273 14.64 -10.41 -29.46
N VAL A 274 13.55 -10.94 -30.03
CA VAL A 274 12.26 -10.93 -29.34
C VAL A 274 12.33 -11.76 -28.08
N CYS A 275 13.14 -12.83 -28.08
CA CYS A 275 13.31 -13.64 -26.89
C CYS A 275 13.96 -12.84 -25.76
N ILE A 276 15.02 -12.10 -26.06
CA ILE A 276 15.66 -11.28 -25.03
C ILE A 276 14.71 -10.21 -24.54
N THR A 277 13.96 -9.59 -25.47
CA THR A 277 12.99 -8.57 -25.09
C THR A 277 11.93 -9.12 -24.14
N THR A 278 11.38 -10.30 -24.44
CA THR A 278 10.36 -10.87 -23.57
C THR A 278 10.96 -11.37 -22.25
N TYR A 279 12.24 -11.76 -22.26
CA TYR A 279 12.91 -12.08 -21.00
C TYR A 279 12.96 -10.85 -20.11
N ALA A 280 13.36 -9.70 -20.67
CA ALA A 280 13.38 -8.46 -19.91
C ALA A 280 11.98 -8.08 -19.44
N ILE A 281 10.97 -8.29 -20.30
CA ILE A 281 9.59 -7.98 -19.92
C ILE A 281 9.16 -8.81 -18.73
N ASN A 282 9.46 -10.11 -18.76
CA ASN A 282 9.07 -10.98 -17.66
C ASN A 282 9.83 -10.67 -16.39
N VAL A 283 11.09 -10.24 -16.50
CA VAL A 283 11.81 -9.76 -15.32
C VAL A 283 11.13 -8.53 -14.75
N SER A 284 10.69 -7.61 -15.62
CA SER A 284 10.06 -6.39 -15.16
C SER A 284 8.74 -6.68 -14.45
N LEU A 285 7.89 -7.53 -15.05
CA LEU A 285 6.64 -7.92 -14.40
C LEU A 285 6.90 -8.69 -13.11
N MET A 286 8.03 -9.40 -13.03
CA MET A 286 8.38 -10.13 -11.82
C MET A 286 8.71 -9.17 -10.68
N TRP A 287 9.56 -8.18 -10.96
CA TRP A 287 9.87 -7.17 -9.95
C TRP A 287 8.62 -6.40 -9.54
N LEU A 288 7.82 -5.99 -10.52
CA LEU A 288 6.60 -5.24 -10.22
C LEU A 288 5.66 -6.05 -9.34
N SER A 289 5.46 -7.32 -9.65
CA SER A 289 4.56 -8.16 -8.85
C SER A 289 5.11 -8.37 -7.45
N PHE A 290 6.44 -8.54 -7.33
CA PHE A 290 7.07 -8.69 -6.02
C PHE A 290 6.84 -7.45 -5.15
N ARG A 291 7.13 -6.28 -5.71
CA ARG A 291 6.89 -5.01 -5.01
C ARG A 291 5.43 -4.89 -4.59
N LYS A 292 4.50 -5.12 -5.53
CA LYS A 292 3.08 -4.96 -5.28
C LYS A 292 2.61 -5.89 -4.17
N VAL A 293 3.20 -7.09 -4.08
CA VAL A 293 2.86 -7.99 -2.99
C VAL A 293 3.43 -7.51 -1.67
N GLN A 294 4.69 -7.07 -1.66
CA GLN A 294 5.36 -6.91 -0.38
C GLN A 294 5.28 -5.51 0.21
N GLU A 295 4.69 -4.53 -0.47
CA GLU A 295 4.58 -3.23 0.17
C GLU A 295 3.15 -2.85 0.55
N ASN A 296 2.25 -3.83 0.65
CA ASN A 296 0.97 -3.60 1.31
C ASN A 296 1.23 -3.68 2.80
N SER A 297 1.64 -2.53 3.37
CA SER A 297 2.15 -2.49 4.75
C SER A 297 1.68 -1.23 5.47
N HIS A 298 0.73 -1.40 6.37
CA HIS A 298 0.50 -0.46 7.48
C HIS A 298 1.15 -1.12 8.70
N ASN A 299 2.44 -0.88 8.90
CA ASN A 299 3.13 -1.37 10.09
C ASN A 299 3.81 -0.16 10.72
N VAL A 300 3.33 0.23 11.90
CA VAL A 300 3.87 1.39 12.63
C VAL A 300 5.01 0.87 13.51
N TYR A 301 6.23 1.27 13.18
CA TYR A 301 7.41 0.72 13.87
C TYR A 301 7.79 1.66 15.00
N ILE A 302 7.72 1.15 16.22
CA ILE A 302 7.80 1.94 17.44
C ILE A 302 9.05 1.54 18.22
N THR A 303 9.85 2.54 18.57
CA THR A 303 11.00 2.38 19.45
C THR A 303 10.90 3.43 20.57
N ALA A 304 11.63 3.19 21.65
CA ALA A 304 11.58 4.05 22.81
C ALA A 304 12.61 5.16 22.72
N ASP A 305 12.20 6.38 23.09
CA ASP A 305 13.08 7.54 23.18
C ASP A 305 13.16 7.95 24.65
N LYS A 306 14.24 7.53 25.32
CA LYS A 306 14.39 7.77 26.76
C LYS A 306 14.64 9.25 27.06
N GLN A 307 15.41 9.94 26.22
CA GLN A 307 15.79 11.33 26.51
C GLN A 307 14.58 12.23 26.67
N LYS A 308 13.49 11.95 25.94
CA LYS A 308 12.28 12.74 26.08
C LYS A 308 11.19 11.98 26.84
N ASN A 309 11.51 10.80 27.38
CA ASN A 309 10.54 9.98 28.12
C ASN A 309 9.36 9.55 27.26
N GLY A 310 9.56 9.44 25.95
CA GLY A 310 8.49 9.16 25.03
C GLY A 310 8.87 8.06 24.06
N ILE A 311 8.25 8.11 22.88
CA ILE A 311 8.51 7.10 21.85
C ILE A 311 8.74 7.79 20.52
N LYS A 312 9.49 7.11 19.65
CA LYS A 312 9.73 7.52 18.29
C LYS A 312 9.19 6.46 17.35
N ALA A 313 8.76 6.87 16.15
CA ALA A 313 8.11 5.92 15.26
C ALA A 313 8.39 6.23 13.80
N ASN A 314 8.54 5.17 13.01
CA ASN A 314 8.75 5.28 11.57
C ASN A 314 7.70 4.45 10.86
N PHE A 315 7.23 4.94 9.70
CA PHE A 315 6.51 4.05 8.79
C PHE A 315 6.33 4.70 7.43
N LYS A 316 5.75 3.93 6.50
CA LYS A 316 5.52 4.35 5.13
C LYS A 316 4.10 3.99 4.74
N ILE A 317 3.31 4.99 4.34
CA ILE A 317 1.97 4.78 3.82
C ILE A 317 2.02 4.97 2.31
N ARG A 318 1.41 4.05 1.57
CA ARG A 318 1.36 4.12 0.12
C ARG A 318 -0.09 4.30 -0.32
N HIS A 319 -0.39 5.45 -0.91
CA HIS A 319 -1.73 5.77 -1.39
C HIS A 319 -1.88 5.38 -2.85
N ASN A 320 -3.05 4.87 -3.21
CA ASN A 320 -3.33 4.52 -4.59
C ASN A 320 -3.68 5.77 -5.40
N VAL A 321 -2.97 5.98 -6.50
CA VAL A 321 -3.23 7.07 -7.42
C VAL A 321 -4.19 6.57 -8.49
N GLU A 322 -5.01 7.49 -9.03
CA GLU A 322 -6.06 7.10 -9.96
C GLU A 322 -5.51 6.47 -11.24
N ASP A 323 -4.26 6.78 -11.60
CA ASP A 323 -3.62 6.18 -12.77
C ASP A 323 -2.90 4.87 -12.43
N GLY A 324 -3.22 4.24 -11.30
CA GLY A 324 -2.64 2.97 -10.94
C GLY A 324 -1.26 3.02 -10.33
N SER A 325 -0.64 4.20 -10.27
CA SER A 325 0.62 4.38 -9.58
C SER A 325 0.38 4.55 -8.08
N VAL A 326 1.46 4.57 -7.32
CA VAL A 326 1.39 4.74 -5.87
C VAL A 326 2.12 6.01 -5.47
N GLN A 327 1.51 6.77 -4.57
CA GLN A 327 2.12 7.94 -3.97
C GLN A 327 2.65 7.56 -2.59
N LEU A 328 3.96 7.73 -2.39
CA LEU A 328 4.63 7.35 -1.16
C LEU A 328 4.58 8.48 -0.14
N ALA A 329 4.27 8.14 1.11
CA ALA A 329 4.21 9.09 2.22
C ALA A 329 5.02 8.52 3.39
N ASP A 330 6.20 9.11 3.63
CA ASP A 330 7.03 8.70 4.75
C ASP A 330 6.59 9.43 6.02
N HIS A 331 6.54 8.70 7.14
CA HIS A 331 6.03 9.19 8.40
C HIS A 331 7.11 9.11 9.45
N TYR A 332 7.46 10.27 10.02
CA TYR A 332 8.37 10.39 11.16
C TYR A 332 7.58 10.94 12.35
N GLN A 333 7.54 10.18 13.44
CA GLN A 333 6.62 10.45 14.54
C GLN A 333 7.36 10.54 15.87
N GLN A 334 6.88 11.45 16.73
CA GLN A 334 7.40 11.64 18.07
C GLN A 334 6.23 11.78 19.05
N ASN A 335 6.34 11.12 20.21
CA ASN A 335 5.31 11.21 21.24
C ASN A 335 5.96 11.46 22.59
N THR A 336 5.45 12.47 23.29
CA THR A 336 6.03 12.96 24.55
C THR A 336 4.92 13.09 25.59
N PRO A 337 5.08 12.51 26.77
CA PRO A 337 4.00 12.53 27.77
C PRO A 337 3.75 13.94 28.29
N ILE A 338 2.50 14.21 28.66
CA ILE A 338 2.10 15.56 29.07
C ILE A 338 2.28 15.77 30.57
N GLY A 339 1.95 14.77 31.37
CA GLY A 339 2.16 14.88 32.80
C GLY A 339 3.62 14.70 33.19
N ASP A 340 3.86 14.77 34.50
CA ASP A 340 5.12 14.36 35.08
C ASP A 340 5.02 13.00 35.76
N GLY A 341 3.90 12.31 35.59
CA GLY A 341 3.72 11.00 36.15
C GLY A 341 4.44 9.94 35.36
N PRO A 342 4.44 8.73 35.91
CA PRO A 342 5.19 7.64 35.28
C PRO A 342 4.49 7.09 34.04
N VAL A 343 5.28 6.72 33.04
CA VAL A 343 4.78 6.18 31.78
C VAL A 343 5.64 4.98 31.39
N LEU A 344 5.07 4.11 30.56
CA LEU A 344 5.77 2.92 30.11
C LEU A 344 6.66 3.24 28.93
N LEU A 345 7.91 2.79 28.99
CA LEU A 345 8.82 2.87 27.86
C LEU A 345 8.91 1.51 27.21
N PRO A 346 8.46 1.32 25.98
CA PRO A 346 8.40 -0.02 25.40
C PRO A 346 9.71 -0.44 24.75
N ASP A 347 9.82 -1.75 24.51
CA ASP A 347 10.82 -2.25 23.60
C ASP A 347 10.33 -2.07 22.17
N ASN A 348 11.22 -2.37 21.22
CA ASN A 348 10.86 -2.23 19.81
C ASN A 348 9.71 -3.17 19.45
N HIS A 349 8.65 -2.61 18.87
CA HIS A 349 7.53 -3.42 18.42
C HIS A 349 6.85 -2.70 17.27
N TYR A 350 5.72 -3.24 16.80
CA TYR A 350 5.00 -2.57 15.73
C TYR A 350 3.50 -2.73 15.92
N LEU A 351 2.76 -1.82 15.29
CA LEU A 351 1.32 -1.81 15.30
C LEU A 351 0.79 -2.14 13.91
N SER A 352 -0.14 -3.08 13.85
CA SER A 352 -0.80 -3.47 12.61
C SER A 352 -2.15 -2.77 12.54
N THR A 353 -2.41 -2.10 11.41
CA THR A 353 -3.57 -1.24 11.25
C THR A 353 -4.28 -1.58 9.95
N GLN A 354 -5.60 -1.69 10.01
CA GLN A 354 -6.43 -1.82 8.82
C GLN A 354 -7.48 -0.72 8.85
N SER A 355 -7.54 0.08 7.79
CA SER A 355 -8.46 1.20 7.70
C SER A 355 -9.45 0.94 6.57
N VAL A 356 -10.72 1.21 6.83
CA VAL A 356 -11.80 1.10 5.85
C VAL A 356 -12.52 2.43 5.81
N LEU A 357 -12.39 3.15 4.71
CA LEU A 357 -13.07 4.43 4.49
C LEU A 357 -14.34 4.22 3.69
N SER A 358 -15.36 5.02 4.00
CA SER A 358 -16.65 4.95 3.31
C SER A 358 -17.35 6.29 3.48
N LYS A 359 -18.55 6.40 2.89
CA LYS A 359 -19.34 7.61 2.93
C LYS A 359 -20.63 7.36 3.70
N ASP A 360 -21.23 8.46 4.17
CA ASP A 360 -22.56 8.45 4.77
C ASP A 360 -23.54 9.10 3.80
N PRO A 361 -24.57 8.38 3.34
CA PRO A 361 -25.52 8.98 2.40
C PRO A 361 -26.40 10.06 3.00
N ASN A 362 -26.36 10.25 4.32
CA ASN A 362 -27.16 11.27 4.97
C ASN A 362 -26.43 12.58 5.15
N GLU A 363 -25.20 12.70 4.64
CA GLU A 363 -24.35 13.85 4.89
C GLU A 363 -23.98 14.51 3.57
N LYS A 364 -24.25 15.81 3.46
CA LYS A 364 -23.94 16.57 2.25
C LYS A 364 -22.65 17.37 2.35
N ARG A 365 -22.14 17.61 3.56
CA ARG A 365 -20.83 18.23 3.70
C ARG A 365 -19.74 17.27 3.22
N ASP A 366 -18.62 17.85 2.78
CA ASP A 366 -17.47 17.02 2.45
C ASP A 366 -17.03 16.29 3.71
N HIS A 367 -17.10 14.96 3.69
CA HIS A 367 -16.91 14.18 4.90
C HIS A 367 -16.12 12.91 4.56
N MET A 368 -15.86 12.12 5.61
CA MET A 368 -15.25 10.80 5.51
C MET A 368 -15.75 9.97 6.68
N VAL A 369 -16.06 8.70 6.44
CA VAL A 369 -16.44 7.76 7.48
C VAL A 369 -15.33 6.73 7.61
N LEU A 370 -14.78 6.59 8.81
CA LEU A 370 -13.60 5.77 9.04
C LEU A 370 -13.90 4.65 10.02
N LEU A 371 -13.58 3.42 9.62
CA LEU A 371 -13.54 2.25 10.50
C LEU A 371 -12.10 1.77 10.57
N GLU A 372 -11.62 1.43 11.77
CA GLU A 372 -10.20 1.13 11.93
C GLU A 372 -9.99 -0.04 12.89
N PHE A 373 -8.98 -0.86 12.61
CA PHE A 373 -8.67 -2.04 13.42
C PHE A 373 -7.16 -2.10 13.63
N VAL A 374 -6.72 -1.84 14.87
CA VAL A 374 -5.30 -1.79 15.20
C VAL A 374 -5.00 -2.77 16.32
N THR A 375 -3.97 -3.60 16.11
CA THR A 375 -3.49 -4.54 17.11
C THR A 375 -1.98 -4.44 17.20
N ALA A 376 -1.45 -4.59 18.41
CA ALA A 376 -0.01 -4.60 18.67
C ALA A 376 0.59 -5.97 18.38
N ALA A 377 1.81 -5.96 17.85
CA ALA A 377 2.54 -7.19 17.53
C ALA A 377 4.03 -6.91 17.55
N GLY A 378 4.82 -7.97 17.34
CA GLY A 378 6.27 -7.85 17.43
C GLY A 378 6.88 -8.52 18.65
N ILE A 379 7.25 -7.70 19.63
CA ILE A 379 7.80 -8.16 20.90
C ILE A 379 6.97 -9.27 21.54
C1 SWF B . 8.75 -13.98 -27.48
C2 SWF B . 7.92 -15.18 -27.07
O3 SWF B . 6.88 -15.04 -26.53
C4 SWF B . 8.43 -16.59 -27.38
C5 SWF B . 9.47 -17.03 -26.34
C6 SWF B . 8.83 -17.14 -24.94
C7 SWF B . 7.57 -17.70 -24.80
C8 SWF B . 6.99 -17.80 -23.54
C9 SWF B . 7.68 -17.33 -22.42
C10 SWF B . 8.93 -16.78 -22.57
C11 SWF B . 9.51 -16.67 -23.82
C12 SWF B . 10.10 -18.37 -26.75
C13 SWF B . 11.46 -18.51 -26.76
O14 SWF B . 12.34 -17.91 -25.85
C15 SWF B . 12.01 -19.73 -27.10
C16 SWF B . 13.29 -20.13 -26.67
C17 SWF B . 13.79 -21.37 -27.04
C18 SWF B . 13.03 -22.24 -27.83
C19 SWF B . 11.77 -21.85 -28.25
C20 SWF B . 11.27 -20.59 -27.88
O21 SWF B . 10.01 -20.18 -28.27
C22 SWF B . 9.37 -19.36 -27.39
O23 SWF B . 8.22 -19.55 -27.17
#